data_6H9I
#
_entry.id   6H9I
#
_cell.length_a   62.850
_cell.length_b   84.237
_cell.length_c   71.472
_cell.angle_alpha   90.00
_cell.angle_beta   100.35
_cell.angle_gamma   90.00
#
_symmetry.space_group_name_H-M   'P 1 21 1'
#
loop_
_entity.id
_entity.type
_entity.pdbx_description
1 polymer Csf5
2 polymer crRNA
3 non-polymer 'L(+)-TARTARIC ACID'
4 non-polymer GLYCEROL
5 non-polymer 'MANGANESE (II) ION'
6 water water
#
loop_
_entity_poly.entity_id
_entity_poly.type
_entity_poly.pdbx_seq_one_letter_code
_entity_poly.pdbx_strand_id
1 'polypeptide(L)'
;MGQQHLLRFALPAGKKLWPNDLREALAKHDLPPLFFSRDPQTGHAITRAMRNEKRVRGYIEQHGHEPPPPTEEQRANPLA
IPGIRIVGSSTWVGILATGERYKPLLEAATLPAIQIVTQRCGRGVGVELEQHTLSIKGLDDPKRYFVRNLVMKRGLTKTA
ENTTQVASRILSALERQAVAYSLDLPPTAQVDIHVESVVRPRGMRLVTSTGATEQFVGLADVEFYACLDLKGYWFAGNLT
SRGYGRIIADHPAMSTGRYAHHHHHH
;
A,B
2 'polyribonucleotide' UCGGUGUUCCCCGCGCAUCGCGGG(23G) C,E
#
loop_
_chem_comp.id
_chem_comp.type
_chem_comp.name
_chem_comp.formula
23G RNA OH 3 prime terminus 'GUANOSINE-5'-PHOSPHATE-2',3'-CYCLIC PHOSPHATE' 'C10 H13 N5 O10 P2'
A RNA linking ADENOSINE-5'-MONOPHOSPHATE 'C10 H14 N5 O7 P'
C RNA linking CYTIDINE-5'-MONOPHOSPHATE 'C9 H14 N3 O8 P'
G RNA linking GUANOSINE-5'-MONOPHOSPHATE 'C10 H14 N5 O8 P'
GOL non-polymer GLYCEROL 'C3 H8 O3'
MN non-polymer 'MANGANESE (II) ION' 'Mn 2'
TLA non-polymer 'L(+)-TARTARIC ACID' 'C4 H6 O6'
U RNA linking URIDINE-5'-MONOPHOSPHATE 'C9 H13 N2 O9 P'
#
# COMPACT_ATOMS: atom_id res chain seq x y z
N GLY A 2 -0.76 7.76 -8.55
CA GLY A 2 -0.73 6.85 -7.43
C GLY A 2 -0.65 5.37 -7.85
N GLN A 3 -1.61 4.91 -8.67
CA GLN A 3 -1.71 3.50 -9.01
C GLN A 3 -1.04 3.20 -10.36
N GLN A 4 -0.12 2.22 -10.35
CA GLN A 4 0.68 1.84 -11.50
C GLN A 4 0.31 0.45 -12.02
N HIS A 5 0.36 0.30 -13.33
CA HIS A 5 0.23 -0.99 -14.02
C HIS A 5 1.43 -1.21 -14.91
N LEU A 6 2.11 -2.33 -14.71
CA LEU A 6 3.26 -2.71 -15.52
C LEU A 6 2.90 -3.94 -16.35
N LEU A 7 2.89 -3.77 -17.67
CA LEU A 7 2.73 -4.87 -18.61
C LEU A 7 4.14 -5.34 -18.99
N ARG A 8 4.53 -6.52 -18.54
CA ARG A 8 5.91 -6.98 -18.62
C ARG A 8 6.00 -8.24 -19.46
N PHE A 9 6.88 -8.22 -20.45
CA PHE A 9 7.15 -9.34 -21.34
C PHE A 9 8.54 -9.88 -21.02
N ALA A 10 8.58 -11.10 -20.49
CA ALA A 10 9.82 -11.83 -20.34
C ALA A 10 10.27 -12.34 -21.70
N LEU A 11 11.48 -11.98 -22.09
CA LEU A 11 12.07 -12.31 -23.38
C LEU A 11 12.72 -13.70 -23.35
N PRO A 12 12.66 -14.43 -24.46
CA PRO A 12 13.33 -15.73 -24.50
C PRO A 12 14.83 -15.60 -24.41
N ALA A 13 15.47 -16.66 -23.91
CA ALA A 13 16.91 -16.64 -23.63
C ALA A 13 17.71 -15.90 -24.69
N GLY A 14 17.53 -16.26 -25.95
CA GLY A 14 18.26 -15.64 -27.03
C GLY A 14 18.09 -14.14 -27.18
N LYS A 15 16.84 -13.71 -27.32
CA LYS A 15 16.52 -12.49 -28.05
C LYS A 15 16.52 -11.26 -27.15
N LYS A 16 16.97 -10.14 -27.72
CA LYS A 16 16.87 -8.82 -27.11
C LYS A 16 15.85 -7.95 -27.84
N LEU A 17 15.16 -7.11 -27.07
CA LEU A 17 14.25 -6.09 -27.60
C LEU A 17 14.29 -4.91 -26.64
N TRP A 18 15.16 -3.94 -26.95
CA TRP A 18 15.36 -2.81 -26.06
C TRP A 18 14.11 -1.95 -25.97
N PRO A 19 13.91 -1.24 -24.85
CA PRO A 19 12.78 -0.32 -24.76
C PRO A 19 12.62 0.60 -25.96
N ASN A 20 13.72 1.16 -26.48
CA ASN A 20 13.60 2.09 -27.59
C ASN A 20 13.13 1.38 -28.86
N ASP A 21 13.49 0.12 -29.05
CA ASP A 21 13.00 -0.63 -30.20
C ASP A 21 11.50 -0.83 -30.12
N LEU A 22 11.02 -1.27 -28.95
CA LEU A 22 9.58 -1.41 -28.74
C LEU A 22 8.86 -0.08 -28.93
N ARG A 23 9.42 1.00 -28.38
CA ARG A 23 8.82 2.32 -28.53
C ARG A 23 8.69 2.70 -30.00
N GLU A 24 9.76 2.51 -30.77
CA GLU A 24 9.72 2.90 -32.18
C GLU A 24 8.76 2.02 -32.96
N ALA A 25 8.72 0.72 -32.66
CA ALA A 25 7.77 -0.18 -33.30
C ALA A 25 6.34 0.23 -32.99
N LEU A 26 6.06 0.59 -31.73
CA LEU A 26 4.72 1.06 -31.37
C LEU A 26 4.40 2.37 -32.04
N ALA A 27 5.43 3.14 -32.42
CA ALA A 27 5.20 4.36 -33.19
C ALA A 27 4.55 4.06 -34.53
N LYS A 28 4.78 2.86 -35.07
CA LYS A 28 4.18 2.49 -36.36
C LYS A 28 2.70 2.13 -36.23
N HIS A 29 2.23 1.77 -35.04
CA HIS A 29 0.81 1.58 -34.83
C HIS A 29 0.15 2.94 -34.62
N ASP A 30 -1.16 2.96 -34.43
CA ASP A 30 -1.91 4.22 -34.42
C ASP A 30 -2.26 4.61 -32.98
N LEU A 31 -1.21 4.93 -32.23
CA LEU A 31 -1.38 5.22 -30.81
C LEU A 31 -1.34 6.73 -30.57
N PRO A 32 -2.07 7.21 -29.55
CA PRO A 32 -2.16 8.65 -29.35
C PRO A 32 -0.81 9.24 -28.96
N PRO A 33 -0.58 10.50 -29.32
CA PRO A 33 0.70 11.14 -28.93
C PRO A 33 1.02 11.04 -27.45
N LEU A 34 0.01 11.14 -26.59
CA LEU A 34 0.25 11.11 -25.15
C LEU A 34 0.91 9.80 -24.72
N PHE A 35 0.72 8.72 -25.47
CA PHE A 35 1.38 7.47 -25.12
C PHE A 35 2.90 7.61 -25.19
N PHE A 36 3.39 8.42 -26.11
CA PHE A 36 4.81 8.69 -26.24
C PHE A 36 5.22 9.95 -25.50
N SER A 37 4.46 10.34 -24.47
CA SER A 37 4.74 11.54 -23.69
C SER A 37 4.89 12.77 -24.58
N ARG A 38 4.01 12.87 -25.58
CA ARG A 38 3.90 14.06 -26.40
C ARG A 38 2.54 14.69 -26.21
N ASP A 39 2.51 16.01 -26.00
CA ASP A 39 1.28 16.70 -25.64
C ASP A 39 0.43 16.90 -26.88
N PRO A 40 -0.73 16.26 -26.96
CA PRO A 40 -1.55 16.36 -28.18
C PRO A 40 -2.01 17.77 -28.49
N GLN A 41 -2.01 18.67 -27.51
CA GLN A 41 -2.48 20.03 -27.71
C GLN A 41 -1.37 21.02 -28.02
N THR A 42 -0.11 20.58 -27.96
CA THR A 42 1.02 21.41 -28.38
C THR A 42 1.76 20.85 -29.58
N GLY A 43 1.77 19.53 -29.76
CA GLY A 43 2.62 18.91 -30.75
C GLY A 43 4.04 18.70 -30.30
N HIS A 44 4.38 19.10 -29.08
CA HIS A 44 5.71 18.93 -28.51
C HIS A 44 5.67 17.93 -27.36
N ALA A 45 6.84 17.53 -26.90
CA ALA A 45 6.93 16.69 -25.71
C ALA A 45 6.25 17.40 -24.54
N ILE A 46 5.72 16.59 -23.61
CA ILE A 46 5.07 17.17 -22.44
C ILE A 46 6.08 18.03 -21.69
N THR A 47 5.61 19.16 -21.16
CA THR A 47 6.48 20.05 -20.40
C THR A 47 5.62 20.89 -19.48
N ARG A 48 6.28 21.63 -18.60
CA ARG A 48 5.59 22.37 -17.56
C ARG A 48 5.07 23.71 -18.07
N ALA A 49 3.93 24.12 -17.53
CA ALA A 49 3.41 25.46 -17.73
C ALA A 49 3.95 26.38 -16.64
N MET A 50 3.52 27.63 -16.66
CA MET A 50 4.06 28.60 -15.70
C MET A 50 3.60 28.24 -14.29
N ARG A 51 4.54 28.30 -13.36
CA ARG A 51 4.29 27.97 -11.96
C ARG A 51 4.12 29.21 -11.10
N ASN A 52 4.91 30.26 -11.37
CA ASN A 52 4.99 31.47 -10.54
C ASN A 52 4.19 32.58 -11.23
N GLU A 53 3.09 33.00 -10.61
CA GLU A 53 2.28 34.07 -11.17
C GLU A 53 3.12 35.30 -11.52
N LYS A 54 4.12 35.60 -10.69
CA LYS A 54 4.86 36.85 -10.84
C LYS A 54 5.53 36.98 -12.19
N ARG A 55 5.74 35.87 -12.89
CA ARG A 55 6.39 35.91 -14.20
C ARG A 55 5.48 36.38 -15.32
N VAL A 56 4.17 36.50 -15.07
CA VAL A 56 3.25 36.90 -16.13
C VAL A 56 3.75 38.19 -16.77
N ARG A 57 4.03 39.19 -15.93
CA ARG A 57 4.55 40.46 -16.40
C ARG A 57 5.69 40.25 -17.39
N GLY A 58 6.70 39.49 -16.98
CA GLY A 58 7.84 39.26 -17.85
C GLY A 58 7.46 38.50 -19.10
N TYR A 59 6.56 37.52 -18.96
CA TYR A 59 6.04 36.82 -20.12
C TYR A 59 5.43 37.79 -21.11
N ILE A 60 4.61 38.72 -20.61
CA ILE A 60 3.87 39.63 -21.49
C ILE A 60 4.84 40.38 -22.40
N GLU A 61 5.74 41.16 -21.80
CA GLU A 61 6.70 41.91 -22.60
C GLU A 61 7.55 40.98 -23.46
N GLN A 62 7.74 39.73 -23.02
CA GLN A 62 8.42 38.76 -23.86
C GLN A 62 7.62 38.41 -25.11
N HIS A 63 6.32 38.13 -24.94
CA HIS A 63 5.52 37.56 -26.01
C HIS A 63 4.42 38.49 -26.53
N GLY A 64 4.18 39.62 -25.86
CA GLY A 64 3.10 40.49 -26.28
C GLY A 64 1.72 40.02 -25.90
N HIS A 65 1.61 39.07 -24.98
CA HIS A 65 0.33 38.64 -24.45
C HIS A 65 0.59 37.77 -23.22
N GLU A 66 -0.45 37.62 -22.40
CA GLU A 66 -0.35 36.77 -21.24
C GLU A 66 -0.23 35.31 -21.67
N PRO A 67 0.29 34.44 -20.79
CA PRO A 67 0.50 33.04 -21.16
C PRO A 67 -0.82 32.34 -21.37
N PRO A 68 -0.89 31.42 -22.33
CA PRO A 68 -2.14 30.71 -22.59
C PRO A 68 -2.50 29.80 -21.45
N PRO A 69 -3.73 29.28 -21.40
CA PRO A 69 -4.09 28.34 -20.36
C PRO A 69 -3.33 27.03 -20.55
N PRO A 70 -2.96 26.36 -19.47
CA PRO A 70 -2.24 25.09 -19.63
C PRO A 70 -3.08 24.06 -20.37
N THR A 71 -2.41 23.18 -21.09
CA THR A 71 -3.10 22.10 -21.77
C THR A 71 -3.71 21.15 -20.74
N GLU A 72 -4.58 20.27 -21.24
CA GLU A 72 -5.21 19.30 -20.34
C GLU A 72 -4.16 18.44 -19.65
N GLU A 73 -3.15 18.00 -20.41
CA GLU A 73 -2.08 17.19 -19.81
C GLU A 73 -1.24 18.00 -18.83
N GLN A 74 -1.08 19.30 -19.08
CA GLN A 74 -0.33 20.14 -18.15
C GLN A 74 -1.09 20.32 -16.84
N ARG A 75 -2.39 20.63 -16.91
CA ARG A 75 -3.18 20.71 -15.68
C ARG A 75 -3.12 19.38 -14.92
N ALA A 76 -3.29 18.27 -15.64
CA ALA A 76 -3.26 16.97 -14.98
C ALA A 76 -1.86 16.61 -14.49
N ASN A 77 -0.82 17.07 -15.20
CA ASN A 77 0.55 16.63 -14.99
C ASN A 77 1.46 17.85 -14.92
N PRO A 78 1.32 18.67 -13.87
CA PRO A 78 2.05 19.94 -13.84
C PRO A 78 3.57 19.80 -13.86
N LEU A 79 4.13 18.71 -13.34
CA LEU A 79 5.57 18.54 -13.33
C LEU A 79 6.10 17.85 -14.58
N ALA A 80 5.21 17.46 -15.50
CA ALA A 80 5.60 16.77 -16.73
C ALA A 80 6.35 15.48 -16.44
N ILE A 81 5.74 14.63 -15.60
CA ILE A 81 6.27 13.29 -15.35
C ILE A 81 5.57 12.31 -16.29
N PRO A 82 6.31 11.45 -17.00
CA PRO A 82 5.67 10.58 -17.99
C PRO A 82 4.68 9.58 -17.41
N GLY A 83 3.41 9.72 -17.76
CA GLY A 83 2.42 8.74 -17.34
C GLY A 83 2.56 7.41 -18.01
N ILE A 84 3.18 7.36 -19.19
CA ILE A 84 3.54 6.12 -19.87
C ILE A 84 5.05 6.09 -20.04
N ARG A 85 5.66 5.00 -19.59
CA ARG A 85 7.07 4.72 -19.85
C ARG A 85 7.20 3.36 -20.52
N ILE A 86 8.09 3.26 -21.50
CA ILE A 86 8.53 1.96 -21.99
C ILE A 86 9.79 1.59 -21.23
N VAL A 87 9.78 0.42 -20.59
CA VAL A 87 10.80 0.05 -19.63
C VAL A 87 11.32 -1.34 -19.97
N GLY A 88 12.36 -1.75 -19.27
CA GLY A 88 12.88 -3.09 -19.43
C GLY A 88 14.32 -3.15 -18.98
N SER A 89 14.86 -4.37 -19.06
CA SER A 89 16.29 -4.60 -18.92
C SER A 89 16.70 -5.51 -20.09
N SER A 90 17.87 -6.15 -19.96
CA SER A 90 18.31 -7.08 -20.99
C SER A 90 17.42 -8.32 -21.06
N THR A 91 16.62 -8.60 -20.03
CA THR A 91 15.85 -9.82 -19.97
C THR A 91 14.35 -9.62 -20.19
N TRP A 92 13.85 -8.39 -20.19
CA TRP A 92 12.42 -8.16 -20.28
C TRP A 92 12.17 -6.76 -20.80
N VAL A 93 10.94 -6.55 -21.29
CA VAL A 93 10.53 -5.25 -21.82
C VAL A 93 9.05 -5.05 -21.50
N GLY A 94 8.63 -3.81 -21.35
CA GLY A 94 7.25 -3.61 -20.96
C GLY A 94 6.82 -2.16 -21.03
N ILE A 95 5.60 -1.95 -20.57
CA ILE A 95 4.92 -0.65 -20.61
C ILE A 95 4.39 -0.36 -19.23
N LEU A 96 4.82 0.75 -18.64
CA LEU A 96 4.42 1.17 -17.30
C LEU A 96 3.49 2.37 -17.42
N ALA A 97 2.27 2.22 -16.92
CA ALA A 97 1.32 3.32 -16.81
C ALA A 97 1.21 3.71 -15.34
N THR A 98 1.37 5.01 -15.06
CA THR A 98 1.32 5.52 -13.69
C THR A 98 0.15 6.50 -13.61
N GLY A 99 -0.94 6.08 -13.01
CA GLY A 99 -2.13 6.92 -12.90
C GLY A 99 -3.26 6.38 -13.76
N GLU A 100 -4.48 6.45 -13.23
CA GLU A 100 -5.65 6.01 -13.99
C GLU A 100 -5.82 6.79 -15.28
N ARG A 101 -5.33 8.03 -15.31
CA ARG A 101 -5.40 8.83 -16.53
C ARG A 101 -4.75 8.11 -17.70
N TYR A 102 -3.66 7.38 -17.44
CA TYR A 102 -2.85 6.78 -18.49
C TYR A 102 -3.14 5.31 -18.73
N LYS A 103 -4.04 4.72 -17.94
CA LYS A 103 -4.37 3.30 -18.11
C LYS A 103 -5.01 3.01 -19.47
N PRO A 104 -5.92 3.84 -20.00
CA PRO A 104 -6.47 3.55 -21.33
C PRO A 104 -5.42 3.53 -22.42
N LEU A 105 -4.35 4.32 -22.29
CA LEU A 105 -3.28 4.27 -23.28
C LEU A 105 -2.58 2.92 -23.24
N LEU A 106 -2.31 2.40 -22.05
CA LEU A 106 -1.72 1.08 -21.92
C LEU A 106 -2.64 0.03 -22.55
N GLU A 107 -3.94 0.14 -22.29
CA GLU A 107 -4.89 -0.77 -22.93
C GLU A 107 -4.76 -0.72 -24.44
N ALA A 108 -4.88 0.49 -25.01
CA ALA A 108 -4.76 0.67 -26.45
C ALA A 108 -3.49 0.03 -27.01
N ALA A 109 -2.40 0.09 -26.26
CA ALA A 109 -1.12 -0.39 -26.77
C ALA A 109 -0.85 -1.86 -26.44
N THR A 110 -1.73 -2.52 -25.70
CA THR A 110 -1.43 -3.88 -25.23
C THR A 110 -1.33 -4.88 -26.37
N LEU A 111 -2.32 -4.89 -27.27
CA LEU A 111 -2.27 -5.90 -28.34
C LEU A 111 -1.17 -5.59 -29.34
N PRO A 112 -1.01 -4.34 -29.76
CA PRO A 112 0.16 -3.98 -30.59
C PRO A 112 1.48 -4.43 -29.98
N ALA A 113 1.62 -4.28 -28.65
CA ALA A 113 2.87 -4.66 -28.00
C ALA A 113 3.06 -6.18 -28.03
N ILE A 114 1.97 -6.93 -27.84
CA ILE A 114 2.08 -8.39 -27.94
C ILE A 114 2.50 -8.78 -29.34
N GLN A 115 1.88 -8.19 -30.34
CA GLN A 115 2.27 -8.48 -31.72
C GLN A 115 3.75 -8.20 -31.93
N ILE A 116 4.22 -7.05 -31.48
CA ILE A 116 5.62 -6.67 -31.73
C ILE A 116 6.56 -7.65 -31.04
N VAL A 117 6.31 -7.95 -29.76
CA VAL A 117 7.24 -8.79 -29.01
C VAL A 117 7.23 -10.22 -29.55
N THR A 118 6.05 -10.74 -29.89
CA THR A 118 5.99 -12.11 -30.40
C THR A 118 6.63 -12.22 -31.78
N GLN A 119 6.41 -11.22 -32.64
CA GLN A 119 7.06 -11.21 -33.95
C GLN A 119 8.57 -11.15 -33.81
N ARG A 120 9.06 -10.24 -32.97
CA ARG A 120 10.51 -10.05 -32.84
C ARG A 120 11.19 -11.26 -32.20
N CYS A 121 10.50 -11.94 -31.28
CA CYS A 121 11.13 -12.95 -30.45
C CYS A 121 10.69 -14.37 -30.77
N GLY A 122 9.70 -14.55 -31.63
CA GLY A 122 9.17 -15.89 -31.81
C GLY A 122 8.55 -16.42 -30.53
N ARG A 123 8.49 -17.75 -30.43
CA ARG A 123 7.83 -18.39 -29.30
C ARG A 123 8.64 -18.25 -28.02
N GLY A 124 7.94 -18.27 -26.89
CA GLY A 124 8.55 -18.29 -25.58
C GLY A 124 8.33 -17.06 -24.73
N VAL A 125 7.64 -16.04 -25.24
CA VAL A 125 7.50 -14.79 -24.52
C VAL A 125 6.56 -14.98 -23.33
N GLY A 126 7.03 -14.66 -22.13
CA GLY A 126 6.17 -14.64 -20.98
C GLY A 126 5.55 -13.28 -20.76
N VAL A 127 4.43 -13.25 -20.04
CA VAL A 127 3.72 -12.00 -19.80
C VAL A 127 3.21 -11.96 -18.37
N GLU A 128 3.33 -10.78 -17.76
CA GLU A 128 2.74 -10.51 -16.45
C GLU A 128 2.14 -9.11 -16.46
N LEU A 129 1.12 -8.92 -15.63
CA LEU A 129 0.55 -7.61 -15.34
C LEU A 129 0.72 -7.35 -13.85
N GLU A 130 1.54 -6.36 -13.51
CA GLU A 130 1.78 -5.99 -12.13
C GLU A 130 0.96 -4.77 -11.78
N GLN A 131 0.46 -4.72 -10.56
CA GLN A 131 -0.21 -3.55 -10.03
C GLN A 131 0.52 -3.09 -8.77
N HIS A 132 0.78 -1.80 -8.69
CA HIS A 132 1.43 -1.23 -7.53
C HIS A 132 0.76 0.10 -7.21
N THR A 133 0.89 0.52 -5.95
CA THR A 133 0.58 1.90 -5.58
C THR A 133 1.85 2.53 -5.05
N LEU A 134 2.21 3.69 -5.57
CA LEU A 134 3.50 4.29 -5.26
C LEU A 134 3.53 4.66 -3.78
N SER A 135 4.62 4.30 -3.12
CA SER A 135 4.79 4.65 -1.71
C SER A 135 6.27 4.84 -1.41
N ILE A 136 6.55 5.70 -0.44
CA ILE A 136 7.92 5.97 -0.01
C ILE A 136 7.92 6.15 1.50
N LYS A 137 8.77 5.41 2.20
CA LYS A 137 8.81 5.46 3.67
C LYS A 137 10.23 5.30 4.16
N GLY A 138 10.57 6.02 5.24
CA GLY A 138 11.90 5.91 5.80
C GLY A 138 12.11 4.60 6.54
N LEU A 139 13.38 4.20 6.62
CA LEU A 139 13.77 2.98 7.31
C LEU A 139 14.82 3.29 8.37
N ASP A 140 15.07 2.29 9.22
CA ASP A 140 16.14 2.39 10.20
C ASP A 140 17.48 1.89 9.67
N ASP A 141 17.48 1.15 8.57
CA ASP A 141 18.70 0.57 8.04
C ASP A 141 18.77 0.77 6.54
N PRO A 142 19.99 0.84 5.98
CA PRO A 142 20.14 1.08 4.55
C PRO A 142 19.66 -0.12 3.72
N LYS A 143 18.89 0.17 2.68
CA LYS A 143 18.47 -0.81 1.71
C LYS A 143 19.25 -0.56 0.41
N ARG A 144 19.65 -1.64 -0.25
CA ARG A 144 20.48 -1.55 -1.44
C ARG A 144 19.62 -1.37 -2.68
N TYR A 145 20.10 -0.54 -3.60
CA TYR A 145 19.36 -0.20 -4.82
C TYR A 145 20.35 -0.07 -5.96
N PHE A 146 19.83 -0.24 -7.16
CA PHE A 146 20.53 0.09 -8.39
C PHE A 146 19.70 1.10 -9.16
N VAL A 147 20.35 1.78 -10.08
CA VAL A 147 19.68 2.57 -11.10
C VAL A 147 20.17 2.06 -12.45
N ARG A 148 19.25 1.51 -13.23
CA ARG A 148 19.58 1.01 -14.55
C ARG A 148 19.52 2.17 -15.53
N ASN A 149 20.65 2.35 -16.24
CA ASN A 149 20.82 3.31 -17.33
C ASN A 149 20.31 4.70 -16.93
N LEU A 150 20.85 5.19 -15.82
CA LEU A 150 20.61 6.56 -15.43
C LEU A 150 21.11 7.49 -16.54
N VAL A 151 20.26 8.42 -16.95
CA VAL A 151 20.59 9.44 -17.94
C VAL A 151 20.58 10.79 -17.24
N MET A 152 21.67 11.53 -17.40
CA MET A 152 21.77 12.93 -16.98
C MET A 152 22.10 13.74 -18.22
N LYS A 153 21.16 14.58 -18.65
CA LYS A 153 21.42 15.37 -19.85
C LYS A 153 22.67 16.21 -19.71
N ARG A 154 22.99 16.64 -18.49
CA ARG A 154 24.20 17.40 -18.21
C ARG A 154 24.72 17.04 -16.83
N GLY A 155 26.03 17.20 -16.64
CA GLY A 155 26.62 17.13 -15.32
C GLY A 155 27.23 15.80 -14.91
N LEU A 156 27.27 14.81 -15.79
CA LEU A 156 27.83 13.51 -15.46
C LEU A 156 29.28 13.44 -15.95
N THR A 157 30.20 13.28 -15.01
CA THR A 157 31.63 13.21 -15.29
C THR A 157 32.17 11.84 -14.96
N LYS A 158 33.39 11.58 -15.42
CA LYS A 158 34.08 10.32 -15.15
C LYS A 158 34.89 10.37 -13.85
N THR A 159 35.07 11.55 -13.26
CA THR A 159 35.84 11.67 -12.03
C THR A 159 34.98 11.24 -10.83
N ALA A 160 35.65 11.03 -9.69
CA ALA A 160 35.00 10.36 -8.57
C ALA A 160 33.86 11.18 -7.97
N GLU A 161 33.88 12.50 -8.12
CA GLU A 161 32.78 13.22 -7.51
C GLU A 161 31.46 13.00 -8.23
N ASN A 162 31.47 12.26 -9.34
CA ASN A 162 30.20 11.89 -9.95
C ASN A 162 29.33 11.14 -8.96
N THR A 163 29.95 10.37 -8.05
CA THR A 163 29.16 9.65 -7.06
C THR A 163 28.21 10.60 -6.33
N THR A 164 28.71 11.78 -5.91
CA THR A 164 27.81 12.68 -5.22
C THR A 164 26.94 13.44 -6.20
N GLN A 165 27.47 13.76 -7.40
CA GLN A 165 26.63 14.33 -8.44
C GLN A 165 25.43 13.46 -8.74
N VAL A 166 25.63 12.14 -8.74
CA VAL A 166 24.50 11.24 -8.99
C VAL A 166 23.57 11.25 -7.80
N ALA A 167 24.12 11.28 -6.58
CA ALA A 167 23.28 11.24 -5.39
C ALA A 167 22.28 12.39 -5.42
N SER A 168 22.75 13.61 -5.69
CA SER A 168 21.86 14.75 -5.75
C SER A 168 20.73 14.50 -6.72
N ARG A 169 21.07 13.99 -7.91
CA ARG A 169 20.03 13.77 -8.91
C ARG A 169 18.96 12.84 -8.35
N ILE A 170 19.38 11.72 -7.77
CA ILE A 170 18.42 10.77 -7.23
C ILE A 170 17.51 11.46 -6.22
N LEU A 171 18.11 12.25 -5.33
CA LEU A 171 17.29 12.90 -4.32
C LEU A 171 16.27 13.82 -4.97
N SER A 172 16.73 14.66 -5.90
CA SER A 172 15.80 15.53 -6.61
C SER A 172 14.69 14.72 -7.24
N ALA A 173 15.07 13.60 -7.88
CA ALA A 173 14.05 12.79 -8.53
C ALA A 173 13.01 12.34 -7.52
N LEU A 174 13.47 11.83 -6.37
CA LEU A 174 12.52 11.38 -5.37
C LEU A 174 11.59 12.52 -4.97
N GLU A 175 12.16 13.69 -4.69
CA GLU A 175 11.31 14.80 -4.30
C GLU A 175 10.33 15.10 -5.42
N ARG A 176 10.83 15.15 -6.64
CA ARG A 176 9.97 15.44 -7.78
C ARG A 176 8.80 14.48 -7.78
N GLN A 177 9.09 13.18 -7.67
CA GLN A 177 8.00 12.21 -7.73
C GLN A 177 7.10 12.35 -6.53
N ALA A 178 7.71 12.56 -5.36
CA ALA A 178 6.90 12.68 -4.15
C ALA A 178 5.95 13.86 -4.26
N VAL A 179 6.43 14.99 -4.81
CA VAL A 179 5.56 16.14 -5.00
C VAL A 179 4.46 15.80 -5.98
N ALA A 180 4.81 15.15 -7.09
CA ALA A 180 3.83 14.85 -8.13
C ALA A 180 2.67 14.03 -7.59
N TYR A 181 2.95 13.09 -6.68
CA TYR A 181 1.95 12.12 -6.22
C TYR A 181 1.49 12.38 -4.79
N SER A 182 1.70 13.58 -4.27
CA SER A 182 1.27 13.94 -2.91
C SER A 182 1.68 12.86 -1.90
N LEU A 183 2.95 12.48 -1.95
CA LEU A 183 3.53 11.59 -0.96
C LEU A 183 4.51 12.36 -0.09
N ASP A 184 4.62 11.94 1.17
CA ASP A 184 5.49 12.60 2.13
C ASP A 184 6.90 12.04 2.04
N LEU A 185 7.87 12.95 1.92
CA LEU A 185 9.27 12.56 1.84
C LEU A 185 9.84 12.38 3.25
N PRO A 186 10.49 11.25 3.52
CA PRO A 186 11.26 11.14 4.76
C PRO A 186 12.41 12.12 4.75
N PRO A 187 12.94 12.49 5.91
CA PRO A 187 13.98 13.53 5.94
C PRO A 187 15.25 13.06 5.24
N THR A 188 15.94 14.02 4.63
CA THR A 188 17.18 13.70 3.93
C THR A 188 18.16 13.00 4.87
N ALA A 189 18.25 13.46 6.11
CA ALA A 189 19.18 12.86 7.06
C ALA A 189 18.86 11.39 7.33
N GLN A 190 17.57 11.02 7.31
CA GLN A 190 17.22 9.61 7.43
C GLN A 190 17.61 8.84 6.18
N VAL A 191 17.18 9.31 5.01
CA VAL A 191 17.51 8.64 3.75
C VAL A 191 18.99 8.27 3.71
N ASP A 192 19.85 9.24 4.01
CA ASP A 192 21.30 9.01 4.08
C ASP A 192 21.80 8.28 2.84
N ILE A 193 21.43 8.81 1.67
CA ILE A 193 21.81 8.18 0.41
C ILE A 193 23.32 8.09 0.30
N HIS A 194 23.80 6.92 -0.13
CA HIS A 194 25.19 6.70 -0.46
C HIS A 194 25.25 6.07 -1.84
N VAL A 195 25.76 6.82 -2.82
CA VAL A 195 26.04 6.24 -4.13
C VAL A 195 27.33 5.43 -3.99
N GLU A 196 27.18 4.12 -3.81
CA GLU A 196 28.34 3.25 -3.70
C GLU A 196 29.11 3.15 -5.01
N SER A 197 28.47 3.39 -6.15
CA SER A 197 29.13 3.09 -7.42
C SER A 197 28.44 3.72 -8.63
N VAL A 198 29.24 4.36 -9.48
CA VAL A 198 28.80 4.94 -10.75
C VAL A 198 29.57 4.21 -11.83
N VAL A 199 28.92 3.24 -12.46
CA VAL A 199 29.56 2.26 -13.32
C VAL A 199 29.54 2.76 -14.76
N ARG A 200 30.72 2.73 -15.38
CA ARG A 200 30.92 3.05 -16.79
C ARG A 200 30.24 4.34 -17.24
N PRO A 201 30.50 5.46 -16.57
CA PRO A 201 30.04 6.75 -17.08
C PRO A 201 30.44 6.89 -18.54
N ARG A 202 29.46 7.23 -19.38
CA ARG A 202 29.66 7.18 -20.81
C ARG A 202 28.64 8.12 -21.46
N GLY A 203 28.74 8.25 -22.78
CA GLY A 203 27.83 9.08 -23.53
C GLY A 203 26.80 8.26 -24.28
N MET A 204 25.72 8.94 -24.64
CA MET A 204 24.67 8.33 -25.46
C MET A 204 24.07 9.42 -26.33
N ARG A 205 24.05 9.21 -27.64
CA ARG A 205 23.48 10.20 -28.53
C ARG A 205 21.98 10.31 -28.29
N LEU A 206 21.49 11.53 -28.15
CA LEU A 206 20.07 11.77 -27.96
C LEU A 206 19.34 11.64 -29.29
N VAL A 207 18.41 10.70 -29.37
CA VAL A 207 17.56 10.52 -30.54
C VAL A 207 16.13 10.81 -30.13
N THR A 208 15.44 11.59 -30.95
CA THR A 208 14.07 12.02 -30.66
C THR A 208 13.15 11.61 -31.79
N SER A 209 11.87 11.97 -31.66
CA SER A 209 10.90 11.68 -32.70
C SER A 209 11.26 12.36 -34.02
N THR A 210 11.89 13.53 -33.96
CA THR A 210 12.30 14.24 -35.16
C THR A 210 13.61 13.73 -35.75
N GLY A 211 14.29 12.80 -35.09
CA GLY A 211 15.51 12.23 -35.61
C GLY A 211 16.63 12.27 -34.60
N ALA A 212 17.76 11.68 -34.99
CA ALA A 212 18.94 11.71 -34.14
C ALA A 212 19.51 13.13 -34.10
N THR A 213 20.05 13.50 -32.93
CA THR A 213 20.60 14.82 -32.73
C THR A 213 22.10 14.74 -32.50
N GLU A 214 22.73 15.90 -32.42
CA GLU A 214 24.14 16.01 -32.07
C GLU A 214 24.38 16.13 -30.58
N GLN A 215 23.33 16.32 -29.78
CA GLN A 215 23.51 16.30 -28.34
C GLN A 215 23.75 14.87 -27.86
N PHE A 216 24.78 14.71 -27.06
CA PHE A 216 24.99 13.50 -26.28
C PHE A 216 24.60 13.78 -24.84
N VAL A 217 24.18 12.74 -24.14
CA VAL A 217 23.81 12.85 -22.74
C VAL A 217 24.64 11.84 -21.96
N GLY A 218 24.80 12.10 -20.67
CA GLY A 218 25.56 11.19 -19.84
C GLY A 218 24.70 10.01 -19.44
N LEU A 219 25.31 8.84 -19.44
CA LEU A 219 24.66 7.57 -19.17
C LEU A 219 25.56 6.79 -18.24
N ALA A 220 24.96 6.15 -17.23
CA ALA A 220 25.77 5.36 -16.31
C ALA A 220 24.85 4.48 -15.49
N ASP A 221 25.42 3.40 -14.96
CA ASP A 221 24.65 2.52 -14.10
C ASP A 221 25.05 2.78 -12.65
N VAL A 222 24.13 2.57 -11.72
CA VAL A 222 24.37 3.05 -10.35
C VAL A 222 24.07 1.96 -9.34
N GLU A 223 24.90 1.88 -8.31
CA GLU A 223 24.57 1.19 -7.06
C GLU A 223 24.61 2.20 -5.93
N PHE A 224 23.57 2.18 -5.08
CA PHE A 224 23.50 3.12 -3.97
C PHE A 224 22.71 2.48 -2.83
N TYR A 225 22.84 3.08 -1.65
CA TYR A 225 22.12 2.64 -0.47
C TYR A 225 21.24 3.76 0.05
N ALA A 226 20.17 3.40 0.74
CA ALA A 226 19.33 4.43 1.32
C ALA A 226 18.36 3.80 2.29
N CYS A 227 18.11 4.50 3.41
CA CYS A 227 17.16 4.05 4.41
C CYS A 227 15.76 4.42 3.92
N LEU A 228 15.36 3.74 2.86
CA LEU A 228 14.16 4.05 2.11
C LEU A 228 13.50 2.76 1.65
N ASP A 229 12.18 2.74 1.76
CA ASP A 229 11.34 1.67 1.22
C ASP A 229 10.46 2.29 0.15
N LEU A 230 10.73 1.94 -1.10
CA LEU A 230 9.95 2.39 -2.25
C LEU A 230 9.04 1.26 -2.72
N LYS A 231 7.75 1.54 -2.81
CA LYS A 231 6.78 0.64 -3.42
C LYS A 231 6.35 1.25 -4.74
N GLY A 232 6.23 0.40 -5.76
CA GLY A 232 6.04 0.86 -7.12
C GLY A 232 7.37 1.13 -7.80
N TYR A 233 7.28 1.67 -9.01
CA TYR A 233 8.46 1.93 -9.83
C TYR A 233 8.81 3.42 -9.79
N TRP A 234 10.00 3.71 -9.29
CA TRP A 234 10.54 5.06 -9.18
C TRP A 234 11.70 5.23 -10.16
N PHE A 235 11.90 6.47 -10.62
CA PHE A 235 12.92 6.77 -11.61
C PHE A 235 13.73 8.00 -11.18
N ALA A 236 14.92 8.10 -11.76
CA ALA A 236 15.81 9.24 -11.58
C ALA A 236 16.40 9.60 -12.94
N GLY A 237 17.01 10.78 -13.00
CA GLY A 237 17.60 11.19 -14.26
C GLY A 237 16.54 11.59 -15.26
N ASN A 238 16.94 11.59 -16.52
CA ASN A 238 16.12 12.10 -17.62
C ASN A 238 15.73 10.97 -18.57
N LEU A 239 14.86 11.31 -19.53
CA LEU A 239 14.40 10.38 -20.56
C LEU A 239 13.78 9.11 -19.97
N THR A 240 13.12 9.23 -18.83
CA THR A 240 12.53 8.06 -18.19
C THR A 240 11.38 7.48 -18.99
N SER A 241 10.76 8.27 -19.87
CA SER A 241 9.71 7.75 -20.74
C SER A 241 10.21 6.61 -21.63
N ARG A 242 11.53 6.47 -21.80
CA ARG A 242 12.11 5.36 -22.53
C ARG A 242 12.80 4.36 -21.59
N GLY A 243 12.39 4.34 -20.31
CA GLY A 243 12.90 3.37 -19.37
C GLY A 243 14.21 3.71 -18.70
N TYR A 244 14.84 4.81 -19.09
CA TYR A 244 16.11 5.20 -18.49
C TYR A 244 15.95 5.63 -17.04
N GLY A 245 16.93 5.26 -16.22
CA GLY A 245 16.97 5.74 -14.85
C GLY A 245 16.11 4.94 -13.90
N ARG A 246 15.87 3.66 -14.20
CA ARG A 246 14.92 2.91 -13.38
C ARG A 246 15.56 2.44 -12.08
N ILE A 247 14.92 2.76 -10.96
CA ILE A 247 15.43 2.34 -9.66
C ILE A 247 14.98 0.92 -9.38
N ILE A 248 15.94 0.06 -9.00
CA ILE A 248 15.72 -1.37 -8.85
C ILE A 248 16.18 -1.76 -7.45
N ALA A 249 15.24 -2.16 -6.60
CA ALA A 249 15.62 -2.72 -5.30
C ALA A 249 16.36 -4.04 -5.48
N ASP A 250 17.54 -4.14 -4.88
CA ASP A 250 18.21 -5.43 -4.80
C ASP A 250 17.47 -6.31 -3.79
N HIS A 251 17.39 -7.60 -4.09
CA HIS A 251 16.64 -8.52 -3.25
C HIS A 251 17.54 -9.54 -2.57
N GLY B 2 -15.24 -14.66 27.90
CA GLY B 2 -16.45 -14.32 28.63
C GLY B 2 -16.56 -12.85 29.00
N GLN B 3 -15.60 -12.41 29.78
CA GLN B 3 -15.60 -11.11 30.41
C GLN B 3 -14.70 -10.14 29.63
N GLN B 4 -15.26 -9.00 29.26
CA GLN B 4 -14.54 -7.97 28.52
C GLN B 4 -14.35 -6.72 29.36
N HIS B 5 -13.20 -6.08 29.18
CA HIS B 5 -12.87 -4.79 29.82
C HIS B 5 -12.46 -3.79 28.74
N LEU B 6 -13.15 -2.67 28.67
CA LEU B 6 -12.84 -1.62 27.70
C LEU B 6 -12.36 -0.36 28.41
N LEU B 7 -11.11 0.04 28.15
CA LEU B 7 -10.58 1.32 28.59
C LEU B 7 -10.79 2.31 27.47
N ARG B 8 -11.67 3.29 27.67
CA ARG B 8 -12.14 4.17 26.59
C ARG B 8 -11.79 5.61 26.90
N PHE B 9 -11.13 6.29 25.95
CA PHE B 9 -10.76 7.70 26.05
C PHE B 9 -11.62 8.48 25.07
N ALA B 10 -12.49 9.32 25.61
CA ALA B 10 -13.21 10.31 24.82
C ALA B 10 -12.26 11.43 24.43
N LEU B 11 -12.12 11.66 23.11
CA LEU B 11 -11.22 12.66 22.59
C LEU B 11 -11.88 14.02 22.55
N PRO B 12 -11.12 15.08 22.79
CA PRO B 12 -11.68 16.43 22.71
C PRO B 12 -12.10 16.77 21.29
N ALA B 13 -13.08 17.68 21.19
CA ALA B 13 -13.70 18.02 19.91
C ALA B 13 -12.71 18.07 18.75
N GLY B 14 -11.62 18.82 18.91
CA GLY B 14 -10.62 18.97 17.87
C GLY B 14 -9.93 17.70 17.39
N LYS B 15 -9.33 16.96 18.31
CA LYS B 15 -8.20 16.09 18.00
C LYS B 15 -8.63 14.68 17.59
N LYS B 16 -7.87 14.10 16.66
CA LYS B 16 -8.01 12.70 16.27
C LYS B 16 -6.80 11.91 16.78
N LEU B 17 -7.04 10.66 17.16
CA LEU B 17 -5.97 9.73 17.51
C LEU B 17 -6.45 8.32 17.15
N TRP B 18 -6.10 7.88 15.94
CA TRP B 18 -6.61 6.62 15.43
C TRP B 18 -6.06 5.43 16.22
N PRO B 19 -6.80 4.33 16.27
CA PRO B 19 -6.30 3.11 16.95
C PRO B 19 -4.88 2.72 16.56
N ASN B 20 -4.52 2.80 15.28
CA ASN B 20 -3.18 2.39 14.89
C ASN B 20 -2.12 3.35 15.43
N ASP B 21 -2.45 4.64 15.58
CA ASP B 21 -1.50 5.57 16.18
C ASP B 21 -1.26 5.24 17.64
N LEU B 22 -2.34 5.01 18.40
CA LEU B 22 -2.18 4.60 19.79
C LEU B 22 -1.41 3.29 19.90
N ARG B 23 -1.73 2.31 19.04
CA ARG B 23 -1.00 1.05 19.00
C ARG B 23 0.49 1.27 18.81
N GLU B 24 0.86 2.05 17.80
CA GLU B 24 2.28 2.24 17.52
C GLU B 24 2.97 3.02 18.63
N ALA B 25 2.29 4.02 19.18
CA ALA B 25 2.87 4.76 20.31
C ALA B 25 3.10 3.83 21.49
N LEU B 26 2.15 2.95 21.79
CA LEU B 26 2.33 1.96 22.84
C LEU B 26 3.43 0.95 22.51
N ALA B 27 3.70 0.74 21.22
CA ALA B 27 4.79 -0.14 20.84
C ALA B 27 6.13 0.36 21.38
N LYS B 28 6.25 1.67 21.58
CA LYS B 28 7.47 2.26 22.09
C LYS B 28 7.65 2.06 23.58
N HIS B 29 6.58 1.78 24.32
CA HIS B 29 6.70 1.42 25.72
C HIS B 29 7.09 -0.05 25.80
N ASP B 30 7.28 -0.56 27.01
CA ASP B 30 7.86 -1.89 27.20
C ASP B 30 6.77 -2.90 27.56
N LEU B 31 5.87 -3.14 26.58
CA LEU B 31 4.73 -4.01 26.78
C LEU B 31 4.96 -5.37 26.16
N PRO B 32 4.38 -6.43 26.75
CA PRO B 32 4.67 -7.78 26.25
C PRO B 32 4.16 -7.96 24.85
N PRO B 33 4.80 -8.82 24.04
CA PRO B 33 4.32 -9.07 22.68
C PRO B 33 2.84 -9.47 22.61
N LEU B 34 2.36 -10.25 23.57
CA LEU B 34 0.97 -10.68 23.55
C LEU B 34 -0.01 -9.52 23.54
N PHE B 35 0.40 -8.36 24.06
CA PHE B 35 -0.48 -7.19 24.01
C PHE B 35 -0.78 -6.79 22.57
N PHE B 36 0.17 -6.99 21.66
CA PHE B 36 0.00 -6.70 20.25
C PHE B 36 -0.40 -7.95 19.45
N SER B 37 -1.02 -8.92 20.13
CA SER B 37 -1.46 -10.17 19.51
C SER B 37 -0.33 -10.86 18.75
N ARG B 38 0.86 -10.87 19.34
CA ARG B 38 1.98 -11.66 18.82
C ARG B 38 2.36 -12.69 19.87
N ASP B 39 2.57 -13.94 19.42
CA ASP B 39 2.77 -15.07 20.32
C ASP B 39 4.18 -15.03 20.89
N PRO B 40 4.32 -14.82 22.20
CA PRO B 40 5.67 -14.67 22.78
C PRO B 40 6.55 -15.90 22.60
N GLN B 41 5.98 -17.07 22.34
CA GLN B 41 6.75 -18.28 22.19
C GLN B 41 7.09 -18.63 20.75
N THR B 42 6.56 -17.88 19.78
CA THR B 42 6.95 -18.04 18.38
C THR B 42 7.66 -16.83 17.79
N GLY B 43 7.35 -15.63 18.28
CA GLY B 43 7.80 -14.41 17.64
C GLY B 43 6.95 -13.95 16.48
N HIS B 44 5.89 -14.68 16.15
CA HIS B 44 4.96 -14.32 15.08
C HIS B 44 3.61 -13.97 15.67
N ALA B 45 2.74 -13.42 14.82
CA ALA B 45 1.38 -13.14 15.22
C ALA B 45 0.70 -14.42 15.71
N ILE B 46 -0.27 -14.24 16.62
CA ILE B 46 -0.98 -15.41 17.13
C ILE B 46 -1.66 -16.12 15.97
N THR B 47 -1.65 -17.45 16.02
CA THR B 47 -2.25 -18.24 14.94
C THR B 47 -2.59 -19.61 15.50
N ARG B 48 -3.30 -20.39 14.68
CA ARG B 48 -3.83 -21.66 15.11
C ARG B 48 -2.79 -22.77 14.98
N ALA B 49 -2.86 -23.72 15.91
CA ALA B 49 -2.13 -24.97 15.78
C ALA B 49 -3.02 -26.00 15.09
N MET B 50 -2.51 -27.21 14.95
CA MET B 50 -3.23 -28.24 14.22
C MET B 50 -4.47 -28.67 14.97
N ARG B 51 -5.59 -28.80 14.25
CA ARG B 51 -6.86 -29.27 14.78
C ARG B 51 -7.15 -30.72 14.43
N ASN B 52 -6.79 -31.16 13.23
CA ASN B 52 -7.16 -32.49 12.73
C ASN B 52 -5.96 -33.41 12.94
N GLU B 53 -6.12 -34.39 13.84
CA GLU B 53 -5.04 -35.33 14.13
C GLU B 53 -4.49 -35.95 12.86
N LYS B 54 -5.37 -36.24 11.90
CA LYS B 54 -5.00 -37.02 10.73
C LYS B 54 -3.91 -36.35 9.89
N ARG B 55 -3.71 -35.04 10.03
CA ARG B 55 -2.69 -34.34 9.25
C ARG B 55 -1.28 -34.60 9.76
N VAL B 56 -1.13 -35.23 10.93
CA VAL B 56 0.19 -35.43 11.53
C VAL B 56 1.12 -36.09 10.53
N ARG B 57 0.68 -37.22 9.97
CA ARG B 57 1.49 -37.93 8.99
C ARG B 57 2.01 -36.98 7.91
N GLY B 58 1.10 -36.17 7.33
CA GLY B 58 1.52 -35.23 6.31
C GLY B 58 2.49 -34.20 6.84
N TYR B 59 2.25 -33.73 8.06
CA TYR B 59 3.21 -32.85 8.73
C TYR B 59 4.58 -33.51 8.83
N ILE B 60 4.60 -34.79 9.22
CA ILE B 60 5.86 -35.49 9.45
C ILE B 60 6.74 -35.43 8.21
N GLU B 61 6.26 -36.01 7.10
CA GLU B 61 7.02 -35.98 5.87
C GLU B 61 7.31 -34.55 5.44
N GLN B 62 6.45 -33.60 5.82
CA GLN B 62 6.72 -32.20 5.53
C GLN B 62 7.94 -31.71 6.30
N HIS B 63 8.00 -31.99 7.61
CA HIS B 63 8.99 -31.38 8.49
C HIS B 63 10.00 -32.37 9.05
N GLY B 64 9.80 -33.66 8.87
CA GLY B 64 10.70 -34.64 9.45
C GLY B 64 10.51 -34.87 10.93
N HIS B 65 9.38 -34.45 11.50
CA HIS B 65 9.05 -34.75 12.88
C HIS B 65 7.59 -34.39 13.11
N GLU B 66 7.02 -34.94 14.18
CA GLU B 66 5.65 -34.62 14.53
C GLU B 66 5.55 -33.16 14.98
N PRO B 67 4.34 -32.60 14.94
CA PRO B 67 4.18 -31.18 15.29
C PRO B 67 4.45 -30.94 16.76
N PRO B 68 5.07 -29.82 17.10
CA PRO B 68 5.37 -29.53 18.51
C PRO B 68 4.10 -29.24 19.28
N PRO B 69 4.17 -29.23 20.61
CA PRO B 69 2.98 -28.90 21.39
C PRO B 69 2.59 -27.44 21.17
N PRO B 70 1.30 -27.14 21.23
CA PRO B 70 0.87 -25.74 21.02
C PRO B 70 1.47 -24.84 22.09
N THR B 71 1.69 -23.58 21.72
CA THR B 71 2.15 -22.60 22.69
C THR B 71 1.08 -22.37 23.74
N GLU B 72 1.47 -21.68 24.82
CA GLU B 72 0.51 -21.37 25.87
C GLU B 72 -0.67 -20.57 25.32
N GLU B 73 -0.39 -19.60 24.46
CA GLU B 73 -1.46 -18.80 23.88
C GLU B 73 -2.33 -19.62 22.93
N GLN B 74 -1.75 -20.60 22.25
CA GLN B 74 -2.54 -21.48 21.39
C GLN B 74 -3.46 -22.37 22.22
N ARG B 75 -2.94 -22.98 23.28
CA ARG B 75 -3.78 -23.76 24.18
C ARG B 75 -4.90 -22.91 24.75
N ALA B 76 -4.58 -21.69 25.22
CA ALA B 76 -5.62 -20.82 25.76
C ALA B 76 -6.53 -20.27 24.68
N ASN B 77 -6.02 -20.06 23.47
CA ASN B 77 -6.70 -19.30 22.41
C ASN B 77 -6.63 -20.09 21.10
N PRO B 78 -7.29 -21.24 21.02
CA PRO B 78 -7.11 -22.12 19.86
C PRO B 78 -7.53 -21.49 18.53
N LEU B 79 -8.50 -20.58 18.53
CA LEU B 79 -8.95 -19.96 17.30
C LEU B 79 -8.15 -18.71 16.94
N ALA B 80 -7.20 -18.31 17.79
CA ALA B 80 -6.38 -17.13 17.54
C ALA B 80 -7.24 -15.87 17.40
N ILE B 81 -8.11 -15.66 18.40
CA ILE B 81 -8.89 -14.44 18.48
C ILE B 81 -8.13 -13.45 19.36
N PRO B 82 -7.96 -12.20 18.93
CA PRO B 82 -7.13 -11.26 19.70
C PRO B 82 -7.70 -10.96 21.08
N GLY B 83 -6.98 -11.38 22.12
CA GLY B 83 -7.39 -11.06 23.48
C GLY B 83 -7.24 -9.59 23.82
N ILE B 84 -6.35 -8.88 23.13
CA ILE B 84 -6.22 -7.43 23.23
C ILE B 84 -6.49 -6.85 21.86
N ARG B 85 -7.40 -5.88 21.80
CA ARG B 85 -7.64 -5.08 20.61
C ARG B 85 -7.49 -3.60 20.95
N ILE B 86 -6.87 -2.85 20.05
CA ILE B 86 -6.94 -1.40 20.10
C ILE B 86 -8.10 -0.96 19.23
N VAL B 87 -9.02 -0.19 19.81
CA VAL B 87 -10.31 0.09 19.20
C VAL B 87 -10.55 1.59 19.25
N GLY B 88 -11.61 2.01 18.59
CA GLY B 88 -12.02 3.40 18.63
C GLY B 88 -12.85 3.75 17.41
N SER B 89 -13.29 5.00 17.39
CA SER B 89 -13.88 5.61 16.22
C SER B 89 -13.25 6.97 16.04
N SER B 90 -13.91 7.84 15.25
CA SER B 90 -13.42 9.20 15.11
C SER B 90 -13.54 10.00 16.40
N THR B 91 -14.33 9.52 17.36
CA THR B 91 -14.65 10.24 18.58
C THR B 91 -13.96 9.71 19.83
N TRP B 92 -13.35 8.53 19.77
CA TRP B 92 -12.78 7.93 20.97
C TRP B 92 -11.76 6.88 20.57
N VAL B 93 -10.91 6.50 21.52
CA VAL B 93 -9.91 5.47 21.32
C VAL B 93 -9.74 4.68 22.60
N GLY B 94 -9.36 3.41 22.49
CA GLY B 94 -9.30 2.62 23.70
C GLY B 94 -8.67 1.27 23.49
N ILE B 95 -8.68 0.49 24.57
CA ILE B 95 -8.05 -0.82 24.66
C ILE B 95 -9.07 -1.80 25.22
N LEU B 96 -9.35 -2.85 24.46
CA LEU B 96 -10.31 -3.89 24.83
C LEU B 96 -9.56 -5.17 25.15
N ALA B 97 -9.73 -5.65 26.38
CA ALA B 97 -9.23 -6.96 26.79
C ALA B 97 -10.41 -7.92 26.89
N THR B 98 -10.31 -9.08 26.25
CA THR B 98 -11.40 -10.05 26.26
C THR B 98 -10.88 -11.32 26.94
N GLY B 99 -11.30 -11.52 28.18
CA GLY B 99 -10.84 -12.66 28.96
C GLY B 99 -9.95 -12.19 30.09
N GLU B 100 -10.11 -12.82 31.26
CA GLU B 100 -9.26 -12.49 32.40
C GLU B 100 -7.80 -12.75 32.10
N ARG B 101 -7.51 -13.67 31.17
CA ARG B 101 -6.13 -13.92 30.77
C ARG B 101 -5.44 -12.65 30.31
N TYR B 102 -6.16 -11.76 29.65
CA TYR B 102 -5.58 -10.59 29.01
C TYR B 102 -5.73 -9.31 29.83
N LYS B 103 -6.40 -9.38 30.98
CA LYS B 103 -6.55 -8.18 31.80
C LYS B 103 -5.23 -7.62 32.29
N PRO B 104 -4.24 -8.42 32.70
CA PRO B 104 -2.97 -7.83 33.14
C PRO B 104 -2.26 -7.04 32.04
N LEU B 105 -2.45 -7.42 30.78
CA LEU B 105 -1.87 -6.63 29.69
C LEU B 105 -2.53 -5.25 29.60
N LEU B 106 -3.86 -5.21 29.73
CA LEU B 106 -4.56 -3.94 29.76
C LEU B 106 -4.07 -3.08 30.93
N GLU B 107 -3.90 -3.70 32.10
CA GLU B 107 -3.36 -2.97 33.24
C GLU B 107 -2.00 -2.37 32.91
N ALA B 108 -1.07 -3.22 32.46
CA ALA B 108 0.27 -2.77 32.09
C ALA B 108 0.23 -1.59 31.13
N ALA B 109 -0.74 -1.58 30.20
CA ALA B 109 -0.78 -0.54 29.18
C ALA B 109 -1.62 0.67 29.57
N THR B 110 -2.27 0.65 30.74
CA THR B 110 -3.22 1.71 31.06
C THR B 110 -2.53 3.07 31.23
N LEU B 111 -1.48 3.13 32.04
CA LEU B 111 -0.85 4.42 32.30
C LEU B 111 -0.10 4.93 31.07
N PRO B 112 0.67 4.08 30.39
CA PRO B 112 1.23 4.49 29.09
C PRO B 112 0.17 5.07 28.16
N ALA B 113 -1.01 4.46 28.12
CA ALA B 113 -2.06 4.94 27.23
C ALA B 113 -2.56 6.31 27.67
N ILE B 114 -2.68 6.54 28.98
CA ILE B 114 -3.10 7.85 29.46
C ILE B 114 -2.07 8.90 29.06
N GLN B 115 -0.79 8.59 29.26
CA GLN B 115 0.26 9.51 28.85
C GLN B 115 0.14 9.84 27.37
N ILE B 116 -0.02 8.83 26.53
CA ILE B 116 -0.06 9.04 25.09
C ILE B 116 -1.27 9.90 24.71
N VAL B 117 -2.45 9.56 25.23
CA VAL B 117 -3.65 10.26 24.81
C VAL B 117 -3.63 11.70 25.29
N THR B 118 -3.16 11.93 26.52
CA THR B 118 -3.12 13.29 27.04
C THR B 118 -2.06 14.13 26.32
N GLN B 119 -0.90 13.54 26.03
CA GLN B 119 0.12 14.26 25.28
C GLN B 119 -0.39 14.65 23.89
N ARG B 120 -1.01 13.69 23.19
CA ARG B 120 -1.46 13.96 21.83
C ARG B 120 -2.61 14.95 21.81
N CYS B 121 -3.48 14.94 22.82
CA CYS B 121 -4.71 15.71 22.80
C CYS B 121 -4.72 16.90 23.73
N GLY B 122 -3.73 17.06 24.60
CA GLY B 122 -3.84 18.11 25.59
C GLY B 122 -5.02 17.84 26.53
N ARG B 123 -5.52 18.92 27.13
CA ARG B 123 -6.59 18.80 28.11
C ARG B 123 -7.92 18.45 27.44
N GLY B 124 -8.79 17.81 28.21
CA GLY B 124 -10.14 17.52 27.79
C GLY B 124 -10.45 16.05 27.64
N VAL B 125 -9.48 15.17 27.83
CA VAL B 125 -9.67 13.74 27.56
C VAL B 125 -10.58 13.14 28.63
N GLY B 126 -11.69 12.52 28.19
CA GLY B 126 -12.52 11.76 29.11
C GLY B 126 -12.10 10.30 29.17
N VAL B 127 -12.49 9.61 30.24
CA VAL B 127 -12.11 8.22 30.43
C VAL B 127 -13.27 7.43 31.01
N GLU B 128 -13.44 6.20 30.52
CA GLU B 128 -14.37 5.23 31.06
C GLU B 128 -13.68 3.88 31.16
N LEU B 129 -14.10 3.09 32.13
CA LEU B 129 -13.73 1.67 32.21
C LEU B 129 -15.04 0.88 32.17
N GLU B 130 -15.25 0.14 31.09
CA GLU B 130 -16.44 -0.69 30.93
C GLU B 130 -16.13 -2.14 31.19
N GLN B 131 -17.06 -2.85 31.81
CA GLN B 131 -17.00 -4.30 31.94
C GLN B 131 -18.27 -4.89 31.34
N HIS B 132 -18.11 -5.94 30.54
CA HIS B 132 -19.24 -6.60 29.90
C HIS B 132 -19.02 -8.11 29.95
N THR B 133 -20.11 -8.84 29.78
CA THR B 133 -20.05 -10.27 29.54
C THR B 133 -20.58 -10.54 28.15
N LEU B 134 -19.79 -11.24 27.32
CA LEU B 134 -20.19 -11.47 25.95
C LEU B 134 -21.42 -12.37 25.94
N SER B 135 -22.44 -11.97 25.19
CA SER B 135 -23.64 -12.79 25.10
C SER B 135 -24.28 -12.59 23.74
N ILE B 136 -25.01 -13.61 23.30
CA ILE B 136 -25.72 -13.57 22.02
C ILE B 136 -27.05 -14.27 22.22
N LYS B 137 -28.14 -13.60 21.84
CA LYS B 137 -29.47 -14.16 22.07
C LYS B 137 -30.35 -13.85 20.87
N GLY B 138 -31.17 -14.82 20.46
CA GLY B 138 -32.05 -14.60 19.33
C GLY B 138 -33.19 -13.67 19.69
N LEU B 139 -33.70 -12.98 18.68
CA LEU B 139 -34.82 -12.05 18.85
C LEU B 139 -35.96 -12.42 17.92
N ASP B 140 -37.11 -11.80 18.18
CA ASP B 140 -38.27 -11.93 17.31
C ASP B 140 -38.31 -10.92 16.19
N ASP B 141 -37.53 -9.84 16.31
CA ASP B 141 -37.55 -8.75 15.36
C ASP B 141 -36.12 -8.35 15.00
N PRO B 142 -35.90 -7.81 13.81
CA PRO B 142 -34.55 -7.42 13.42
C PRO B 142 -34.06 -6.22 14.21
N LYS B 143 -32.82 -6.30 14.69
CA LYS B 143 -32.13 -5.20 15.34
C LYS B 143 -31.09 -4.65 14.38
N ARG B 144 -30.94 -3.32 14.38
CA ARG B 144 -30.04 -2.64 13.46
C ARG B 144 -28.63 -2.56 14.02
N TYR B 145 -27.65 -2.72 13.15
CA TYR B 145 -26.25 -2.73 13.54
C TYR B 145 -25.44 -2.07 12.44
N PHE B 146 -24.26 -1.59 12.82
CA PHE B 146 -23.25 -1.17 11.89
C PHE B 146 -22.00 -2.00 12.13
N VAL B 147 -21.12 -2.00 11.14
CA VAL B 147 -19.76 -2.50 11.29
C VAL B 147 -18.83 -1.38 10.87
N ARG B 148 -18.03 -0.89 11.82
CA ARG B 148 -17.08 0.17 11.54
C ARG B 148 -15.80 -0.44 11.00
N ASN B 149 -15.40 0.06 9.83
CA ASN B 149 -14.15 -0.27 9.15
C ASN B 149 -13.93 -1.78 9.10
N LEU B 150 -14.93 -2.46 8.55
CA LEU B 150 -14.78 -3.88 8.25
C LEU B 150 -13.63 -4.07 7.28
N VAL B 151 -12.74 -5.01 7.61
CA VAL B 151 -11.62 -5.38 6.75
C VAL B 151 -11.85 -6.81 6.29
N MET B 152 -11.78 -7.02 4.98
CA MET B 152 -11.77 -8.34 4.38
C MET B 152 -10.48 -8.44 3.57
N LYS B 153 -9.57 -9.31 4.00
CA LYS B 153 -8.32 -9.43 3.28
C LYS B 153 -8.56 -9.79 1.82
N ARG B 154 -9.62 -10.54 1.54
CA ARG B 154 -9.96 -10.88 0.16
C ARG B 154 -11.48 -10.96 0.04
N GLY B 155 -11.96 -10.73 -1.18
CA GLY B 155 -13.34 -11.01 -1.51
C GLY B 155 -14.30 -9.84 -1.44
N LEU B 156 -13.81 -8.63 -1.22
CA LEU B 156 -14.66 -7.46 -1.15
C LEU B 156 -14.66 -6.76 -2.51
N THR B 157 -15.82 -6.68 -3.13
CA THR B 157 -15.98 -6.05 -4.43
C THR B 157 -16.87 -4.82 -4.30
N LYS B 158 -16.87 -4.00 -5.35
CA LYS B 158 -17.72 -2.81 -5.40
C LYS B 158 -19.11 -3.09 -5.94
N THR B 159 -19.34 -4.26 -6.53
CA THR B 159 -20.62 -4.59 -7.11
C THR B 159 -21.62 -5.01 -6.04
N ALA B 160 -22.89 -5.06 -6.44
CA ALA B 160 -24.00 -5.15 -5.48
C ALA B 160 -24.01 -6.45 -4.69
N GLU B 161 -23.40 -7.52 -5.18
CA GLU B 161 -23.40 -8.75 -4.39
C GLU B 161 -22.43 -8.69 -3.23
N ASN B 162 -21.64 -7.62 -3.09
CA ASN B 162 -20.79 -7.49 -1.92
C ASN B 162 -21.60 -7.57 -0.64
N THR B 163 -22.84 -7.05 -0.65
CA THR B 163 -23.68 -7.12 0.53
C THR B 163 -23.77 -8.54 1.05
N THR B 164 -24.06 -9.50 0.16
CA THR B 164 -24.19 -10.86 0.66
C THR B 164 -22.82 -11.45 0.95
N GLN B 165 -21.81 -11.06 0.15
CA GLN B 165 -20.46 -11.46 0.47
C GLN B 165 -20.09 -10.98 1.87
N VAL B 166 -20.55 -9.79 2.25
CA VAL B 166 -20.27 -9.28 3.58
C VAL B 166 -21.09 -10.05 4.61
N ALA B 167 -22.34 -10.35 4.28
CA ALA B 167 -23.19 -11.07 5.22
C ALA B 167 -22.52 -12.36 5.67
N SER B 168 -22.04 -13.14 4.70
CA SER B 168 -21.37 -14.39 5.04
C SER B 168 -20.25 -14.14 6.03
N ARG B 169 -19.41 -13.13 5.77
CA ARG B 169 -18.30 -12.88 6.65
C ARG B 169 -18.79 -12.65 8.08
N ILE B 170 -19.80 -11.79 8.24
CA ILE B 170 -20.32 -11.50 9.56
C ILE B 170 -20.76 -12.79 10.23
N LEU B 171 -21.49 -13.63 9.49
CA LEU B 171 -21.97 -14.87 10.09
C LEU B 171 -20.80 -15.72 10.54
N SER B 172 -19.81 -15.91 9.65
CA SER B 172 -18.65 -16.68 10.07
C SER B 172 -18.06 -16.09 11.33
N ALA B 173 -17.92 -14.76 11.37
CA ALA B 173 -17.32 -14.14 12.53
C ALA B 173 -18.12 -14.47 13.79
N LEU B 174 -19.45 -14.35 13.71
CA LEU B 174 -20.26 -14.67 14.88
C LEU B 174 -20.01 -16.10 15.32
N GLU B 175 -20.05 -17.03 14.36
CA GLU B 175 -19.82 -18.42 14.72
C GLU B 175 -18.45 -18.56 15.35
N ARG B 176 -17.45 -17.94 14.72
CA ARG B 176 -16.09 -18.02 15.25
C ARG B 176 -16.05 -17.57 16.70
N GLN B 177 -16.72 -16.45 16.99
CA GLN B 177 -16.70 -15.95 18.36
C GLN B 177 -17.51 -16.84 19.28
N ALA B 178 -18.68 -17.30 18.81
CA ALA B 178 -19.53 -18.10 19.68
C ALA B 178 -18.83 -19.39 20.08
N VAL B 179 -18.16 -20.04 19.14
CA VAL B 179 -17.37 -21.23 19.47
C VAL B 179 -16.26 -20.87 20.45
N ALA B 180 -15.56 -19.77 20.19
CA ALA B 180 -14.43 -19.38 21.04
C ALA B 180 -14.86 -19.23 22.49
N TYR B 181 -16.05 -18.69 22.72
CA TYR B 181 -16.49 -18.33 24.07
C TYR B 181 -17.60 -19.25 24.59
N SER B 182 -17.75 -20.43 23.99
CA SER B 182 -18.76 -21.40 24.41
C SER B 182 -20.12 -20.74 24.59
N LEU B 183 -20.54 -19.98 23.58
CA LEU B 183 -21.87 -19.43 23.51
C LEU B 183 -22.66 -20.14 22.43
N ASP B 184 -23.97 -20.25 22.62
CA ASP B 184 -24.83 -20.94 21.67
C ASP B 184 -25.28 -19.98 20.58
N LEU B 185 -25.11 -20.39 19.34
CA LEU B 185 -25.57 -19.58 18.22
C LEU B 185 -27.04 -19.87 17.97
N PRO B 186 -27.90 -18.85 17.92
CA PRO B 186 -29.26 -19.07 17.42
C PRO B 186 -29.21 -19.49 15.96
N PRO B 187 -30.25 -20.13 15.45
CA PRO B 187 -30.16 -20.67 14.09
C PRO B 187 -30.04 -19.56 13.07
N THR B 188 -29.31 -19.86 11.99
CA THR B 188 -29.12 -18.88 10.93
C THR B 188 -30.45 -18.37 10.41
N ALA B 189 -31.44 -19.26 10.29
CA ALA B 189 -32.75 -18.84 9.80
C ALA B 189 -33.39 -17.81 10.72
N GLN B 190 -33.14 -17.91 12.02
CA GLN B 190 -33.61 -16.87 12.93
C GLN B 190 -32.84 -15.57 12.73
N VAL B 191 -31.51 -15.64 12.77
CA VAL B 191 -30.65 -14.47 12.61
C VAL B 191 -31.16 -13.61 11.45
N ASP B 192 -31.39 -14.25 10.30
CA ASP B 192 -31.93 -13.57 9.13
C ASP B 192 -31.15 -12.29 8.85
N ILE B 193 -29.83 -12.42 8.79
CA ILE B 193 -28.98 -11.26 8.55
C ILE B 193 -29.32 -10.63 7.22
N HIS B 194 -29.43 -9.29 7.21
CA HIS B 194 -29.58 -8.50 6.00
C HIS B 194 -28.54 -7.39 6.03
N VAL B 195 -27.56 -7.45 5.13
CA VAL B 195 -26.64 -6.34 4.94
C VAL B 195 -27.39 -5.28 4.13
N GLU B 196 -27.94 -4.28 4.82
CA GLU B 196 -28.62 -3.20 4.13
C GLU B 196 -27.67 -2.36 3.31
N SER B 197 -26.38 -2.31 3.66
CA SER B 197 -25.52 -1.33 3.01
C SER B 197 -24.04 -1.61 3.22
N VAL B 198 -23.29 -1.55 2.13
CA VAL B 198 -21.83 -1.67 2.15
C VAL B 198 -21.30 -0.35 1.58
N VAL B 199 -20.91 0.55 2.47
CA VAL B 199 -20.63 1.93 2.13
C VAL B 199 -19.15 2.09 1.82
N ARG B 200 -18.88 2.75 0.69
CA ARG B 200 -17.55 3.11 0.22
C ARG B 200 -16.57 1.93 0.24
N PRO B 201 -16.91 0.81 -0.39
CA PRO B 201 -15.92 -0.26 -0.57
C PRO B 201 -14.64 0.33 -1.17
N ARG B 202 -13.52 0.03 -0.54
CA ARG B 202 -12.27 0.72 -0.88
C ARG B 202 -11.11 -0.17 -0.47
N GLY B 203 -9.90 0.29 -0.77
CA GLY B 203 -8.72 -0.46 -0.41
C GLY B 203 -7.97 0.16 0.76
N MET B 204 -7.11 -0.64 1.39
CA MET B 204 -6.24 -0.13 2.44
C MET B 204 -4.95 -0.93 2.41
N ARG B 205 -3.81 -0.24 2.32
CA ARG B 205 -2.54 -0.96 2.28
C ARG B 205 -2.31 -1.66 3.61
N LEU B 206 -1.93 -2.94 3.55
CA LEU B 206 -1.63 -3.67 4.77
C LEU B 206 -0.25 -3.29 5.26
N VAL B 207 -0.18 -2.73 6.47
CA VAL B 207 1.08 -2.39 7.12
C VAL B 207 1.19 -3.24 8.38
N THR B 208 2.36 -3.83 8.60
CA THR B 208 2.59 -4.72 9.72
C THR B 208 3.74 -4.21 10.57
N SER B 209 4.05 -4.95 11.64
CA SER B 209 5.17 -4.58 12.49
C SER B 209 6.49 -4.59 11.73
N THR B 210 6.63 -5.47 10.74
CA THR B 210 7.85 -5.53 9.94
C THR B 210 7.90 -4.50 8.83
N GLY B 211 6.85 -3.71 8.63
CA GLY B 211 6.85 -2.66 7.64
C GLY B 211 5.63 -2.72 6.74
N ALA B 212 5.53 -1.72 5.87
CA ALA B 212 4.45 -1.69 4.89
C ALA B 212 4.63 -2.76 3.84
N THR B 213 3.51 -3.32 3.38
CA THR B 213 3.50 -4.36 2.36
C THR B 213 2.85 -3.81 1.10
N GLU B 214 2.93 -4.60 0.03
CA GLU B 214 2.22 -4.26 -1.19
C GLU B 214 0.83 -4.89 -1.27
N GLN B 215 0.47 -5.75 -0.33
CA GLN B 215 -0.90 -6.24 -0.28
C GLN B 215 -1.84 -5.14 0.19
N PHE B 216 -2.91 -4.94 -0.55
CA PHE B 216 -4.03 -4.13 -0.09
C PHE B 216 -5.16 -5.05 0.34
N VAL B 217 -5.99 -4.57 1.26
CA VAL B 217 -7.12 -5.33 1.75
C VAL B 217 -8.37 -4.51 1.50
N GLY B 218 -9.52 -5.20 1.45
CA GLY B 218 -10.76 -4.50 1.25
C GLY B 218 -11.24 -3.92 2.56
N LEU B 219 -11.75 -2.70 2.49
CA LEU B 219 -12.20 -1.95 3.64
C LEU B 219 -13.55 -1.35 3.29
N ALA B 220 -14.49 -1.42 4.22
CA ALA B 220 -15.79 -0.83 3.93
C ALA B 220 -16.57 -0.72 5.24
N ASP B 221 -17.55 0.18 5.24
CA ASP B 221 -18.41 0.33 6.41
C ASP B 221 -19.75 -0.33 6.12
N VAL B 222 -20.41 -0.85 7.16
CA VAL B 222 -21.56 -1.72 6.94
C VAL B 222 -22.73 -1.27 7.79
N GLU B 223 -23.94 -1.36 7.21
CA GLU B 223 -25.18 -1.36 7.95
C GLU B 223 -25.89 -2.67 7.68
N PHE B 224 -26.37 -3.34 8.74
CA PHE B 224 -27.05 -4.61 8.57
C PHE B 224 -28.08 -4.79 9.68
N TYR B 225 -28.97 -5.74 9.47
CA TYR B 225 -30.01 -6.09 10.43
C TYR B 225 -29.88 -7.55 10.81
N ALA B 226 -30.36 -7.88 12.01
CA ALA B 226 -30.34 -9.28 12.43
C ALA B 226 -31.18 -9.45 13.68
N CYS B 227 -31.91 -10.55 13.76
CA CYS B 227 -32.73 -10.86 14.93
C CYS B 227 -31.79 -11.44 16.00
N LEU B 228 -30.92 -10.58 16.48
CA LEU B 228 -29.83 -10.94 17.37
C LEU B 228 -29.61 -9.82 18.37
N ASP B 229 -29.37 -10.19 19.61
CA ASP B 229 -28.98 -9.28 20.67
C ASP B 229 -27.56 -9.66 21.08
N LEU B 230 -26.60 -8.80 20.76
CA LEU B 230 -25.20 -9.01 21.09
C LEU B 230 -24.85 -8.13 22.29
N LYS B 231 -24.32 -8.74 23.35
CA LYS B 231 -23.81 -8.05 24.52
C LYS B 231 -22.30 -8.18 24.52
N GLY B 232 -21.62 -7.09 24.86
CA GLY B 232 -20.18 -7.03 24.69
C GLY B 232 -19.82 -6.55 23.31
N TYR B 233 -18.53 -6.58 23.02
CA TYR B 233 -18.00 -6.09 21.76
C TYR B 233 -17.69 -7.26 20.84
N TRP B 234 -18.38 -7.32 19.72
CA TRP B 234 -18.19 -8.36 18.72
C TRP B 234 -17.54 -7.76 17.47
N PHE B 235 -16.78 -8.57 16.76
CA PHE B 235 -16.06 -8.11 15.60
C PHE B 235 -16.26 -9.06 14.43
N ALA B 236 -16.03 -8.54 13.23
CA ALA B 236 -16.09 -9.32 12.01
C ALA B 236 -14.90 -8.92 11.13
N GLY B 237 -14.66 -9.71 10.10
CA GLY B 237 -13.55 -9.37 9.24
C GLY B 237 -12.20 -9.65 9.90
N ASN B 238 -11.18 -9.01 9.35
CA ASN B 238 -9.80 -9.27 9.72
C ASN B 238 -9.19 -8.06 10.42
N LEU B 239 -7.97 -8.26 10.92
CA LEU B 239 -7.19 -7.21 11.59
C LEU B 239 -7.95 -6.58 12.76
N THR B 240 -8.78 -7.37 13.45
CA THR B 240 -9.57 -6.82 14.54
C THR B 240 -8.71 -6.40 15.73
N SER B 241 -7.51 -6.95 15.87
CA SER B 241 -6.61 -6.51 16.93
C SER B 241 -6.28 -5.03 16.83
N ARG B 242 -6.48 -4.43 15.65
CA ARG B 242 -6.31 -2.98 15.47
C ARG B 242 -7.64 -2.27 15.34
N GLY B 243 -8.72 -2.86 15.87
CA GLY B 243 -10.01 -2.23 15.95
C GLY B 243 -10.88 -2.33 14.70
N TYR B 244 -10.38 -2.91 13.61
CA TYR B 244 -11.18 -3.03 12.40
C TYR B 244 -12.32 -4.01 12.58
N GLY B 245 -13.46 -3.69 11.97
CA GLY B 245 -14.57 -4.62 11.94
C GLY B 245 -15.45 -4.60 13.16
N ARG B 246 -15.51 -3.47 13.86
CA ARG B 246 -16.23 -3.44 15.14
C ARG B 246 -17.73 -3.34 14.91
N ILE B 247 -18.48 -4.26 15.52
CA ILE B 247 -19.93 -4.25 15.41
C ILE B 247 -20.50 -3.28 16.42
N ILE B 248 -21.38 -2.39 15.96
CA ILE B 248 -21.92 -1.29 16.75
C ILE B 248 -23.44 -1.36 16.70
N ALA B 249 -24.06 -1.66 17.83
CA ALA B 249 -25.52 -1.58 17.89
C ALA B 249 -25.99 -0.14 17.71
N ASP B 250 -26.91 0.06 16.77
CA ASP B 250 -27.60 1.34 16.67
C ASP B 250 -28.60 1.47 17.81
N HIS B 251 -28.72 2.69 18.33
CA HIS B 251 -29.61 2.94 19.47
C HIS B 251 -30.76 3.85 19.08
P 23G C 25 11.22 12.45 -21.24
N1 23G C 25 14.70 17.45 -27.73
C2 23G C 25 13.61 16.93 -28.47
N2 23G C 25 13.39 17.42 -29.83
N3 23G C 25 12.71 15.94 -27.91
C4 23G C 25 12.96 15.48 -26.53
C5 23G C 25 13.99 15.95 -25.82
C6 23G C 25 14.93 16.99 -26.41
O6 23G C 25 15.86 17.43 -25.77
N7 23G C 25 13.95 15.36 -24.64
C8 23G C 25 12.90 14.51 -24.63
N9 23G C 25 12.30 14.62 -25.84
PC 23G C 25 10.70 11.42 -27.91
C1' 23G C 25 11.22 13.79 -25.88
C2' 23G C 25 11.60 12.32 -25.85
O2' 23G C 25 11.98 11.81 -27.30
C3' 23G C 25 10.51 11.74 -25.55
O3' 23G C 25 9.77 11.36 -26.93
C4' 23G C 25 9.64 12.79 -24.73
O4' 23G C 25 10.26 13.94 -24.76
C5' 23G C 25 9.60 12.35 -23.26
O5' 23G C 25 10.91 12.33 -22.85
OC1 23G C 25 10.26 12.57 -29.04
OC2 23G C 25 10.92 10.12 -28.58
OP1 23G C 25 10.98 11.13 -20.54
OP2 23G C 25 12.57 13.00 -21.01
P 23G D 25 -5.09 -9.77 13.54
N1 23G D 25 1.28 -10.31 7.28
C2 23G D 25 2.12 -9.98 8.36
N2 23G D 25 3.56 -9.89 8.11
N3 23G D 25 1.61 -9.70 9.69
C4 23G D 25 0.15 -9.79 9.90
C5 23G D 25 -0.67 -10.12 8.89
C6 23G D 25 -0.13 -10.40 7.51
O6 23G D 25 -0.85 -10.70 6.60
N7 23G D 25 -1.89 -10.13 9.39
C8 23G D 25 -1.83 -9.80 10.70
N9 23G D 25 -0.52 -9.60 11.00
PC 23G D 25 0.77 -6.48 13.45
C1' 23G D 25 -0.40 -9.27 12.30
C2' 23G D 25 -0.99 -7.87 12.53
O2' 23G D 25 0.04 -6.74 12.20
C3' 23G D 25 -1.17 -7.83 13.79
O3' 23G D 25 0.13 -7.14 14.45
C4' 23G D 25 -1.35 -9.33 14.30
O4' 23G D 25 -1.16 -10.11 13.27
C5' 23G D 25 -2.80 -9.50 14.75
O5' 23G D 25 -3.57 -9.19 13.65
OC1 23G D 25 0.75 -5.02 13.63
OC2 23G D 25 2.36 -7.02 13.27
OP1 23G D 25 -6.03 -8.97 14.34
OP2 23G D 25 -5.54 -9.91 12.10
O1 TLA E . 10.91 19.70 -33.06
O11 TLA E . 8.92 20.57 -33.14
C1 TLA E . 9.72 19.74 -32.65
C2 TLA E . 9.27 18.79 -31.55
O2 TLA E . 7.95 19.09 -31.18
C3 TLA E . 10.17 18.95 -30.32
O3 TLA E . 10.08 20.27 -29.85
C4 TLA E . 9.72 17.98 -29.23
O4 TLA E . 10.11 16.78 -29.26
O41 TLA E . 8.98 18.38 -28.30
C1 GOL F . 11.15 11.28 -13.96
O1 GOL F . 9.97 10.67 -13.56
C2 GOL F . 11.87 11.73 -12.71
O2 GOL F . 11.16 12.66 -11.94
C3 GOL F . 13.11 12.48 -13.16
O3 GOL F . 14.23 11.78 -12.74
H11 GOL F . 11.00 12.06 -14.53
H12 GOL F . 11.73 10.70 -14.47
HO1 GOL F . 9.99 9.87 -13.85
H2 GOL F . 12.02 10.93 -12.19
HO2 GOL F . 11.72 13.09 -11.48
H31 GOL F . 13.08 13.38 -12.82
H32 GOL F . 13.08 12.58 -14.13
HO3 GOL F . 14.79 11.82 -13.36
O1 TLA G . 3.60 -12.87 12.25
O11 TLA G . 3.90 -10.76 11.73
C1 TLA G . 4.22 -11.97 11.61
C2 TLA G . 5.37 -12.34 10.68
O2 TLA G . 5.46 -13.73 10.61
C3 TLA G . 6.67 -11.75 11.22
O3 TLA G . 7.10 -12.53 12.31
C4 TLA G . 7.74 -11.78 10.13
O4 TLA G . 8.69 -12.60 10.20
O41 TLA G . 7.66 -10.98 9.17
MN MN H . -33.57 -12.47 4.87
C1 GOL I . -13.69 -11.71 14.24
O1 GOL I . -13.66 -11.91 12.84
C2 GOL I . -13.09 -12.97 14.89
O2 GOL I . -12.83 -13.96 13.95
C3 GOL I . -11.83 -12.49 15.60
O3 GOL I . -10.82 -13.46 15.35
H11 GOL I . -13.19 -10.94 14.52
H12 GOL I . -14.60 -11.57 14.57
HO1 GOL I . -14.37 -12.32 12.64
H2 GOL I . -13.71 -13.37 15.51
HO2 GOL I . -12.69 -13.59 13.20
H31 GOL I . -11.60 -11.60 15.29
H32 GOL I . -12.03 -12.38 16.55
HO3 GOL I . -10.50 -13.27 14.59
O1 TLA J . 11.29 25.20 -9.21
O11 TLA J . 9.46 25.02 -10.40
C1 TLA J . 10.58 24.56 -10.03
C2 TLA J . 11.09 23.24 -10.61
O2 TLA J . 11.97 22.64 -9.70
C3 TLA J . 11.81 23.51 -11.92
O3 TLA J . 12.13 24.87 -11.99
C4 TLA J . 13.08 22.67 -11.98
O4 TLA J . 13.91 22.70 -11.04
O41 TLA J . 13.31 21.96 -13.00
C1 GOL K . -10.91 -22.55 8.78
O1 GOL K . -12.10 -22.07 8.20
C2 GOL K . -11.30 -23.18 10.10
O2 GOL K . -12.42 -22.55 10.67
C3 GOL K . -11.56 -24.67 9.87
O3 GOL K . -10.75 -25.30 10.83
H11 GOL K . -10.26 -21.84 8.94
H12 GOL K . -10.46 -23.20 8.23
HO1 GOL K . -12.35 -21.40 8.66
H2 GOL K . -10.55 -23.07 10.71
HO2 GOL K . -12.33 -21.71 10.57
H31 GOL K . -12.51 -24.85 9.97
H32 GOL K . -11.35 -24.89 8.95
HO3 GOL K . -10.02 -24.87 10.86
#